data_1K6S
#
_entry.id   1K6S
#
_cell.length_a   48.245
_cell.length_b   95.787
_cell.length_c   125.074
_cell.angle_alpha   90.00
_cell.angle_beta   90.00
_cell.angle_gamma   90.00
#
_symmetry.space_group_name_H-M   'P 21 21 21'
#
loop_
_entity.id
_entity.type
_entity.pdbx_description
1 polymer 'Beta-lactamase PSE-2'
2 non-polymer 'CALCIUM ION'
3 non-polymer 'SULFATE ION'
4 non-polymer '4-IODO-ACETAMIDO PHENYLBORONIC ACID'
5 water water
#
_entity_poly.entity_id   1
_entity_poly.type   'polypeptide(L)'
_entity_poly.pdbx_seq_one_letter_code
;MGSITENTSWNKEFSAEAVNGVFVLCKSSSKSCATNDLARASKEYLPASTF(KCX)IPNAIIGLETGVIKNEHQVFKWDG
KPRAMKQWERDLTLRGAIQVSAVPVFQQIAREVGEVRMQKYLKKFSYGNQNISGGIDKFWLEGQLRISAVNQVEFLESLY
LNKLSASKENQLIVKEALVTEAAPEYLVHSKTGFSGVGTESNPGVAWWVGWVEKETEVYFFAFNMDIDNESKLPLRKSIP
TKIMESEGIIGG
;
_entity_poly.pdbx_strand_id   A,B
#
loop_
_chem_comp.id
_chem_comp.type
_chem_comp.name
_chem_comp.formula
CA non-polymer 'CALCIUM ION' 'Ca 2'
IAP non-polymer '4-IODO-ACETAMIDO PHENYLBORONIC ACID' 'C8 H9 B I N O3'
SO4 non-polymer 'SULFATE ION' 'O4 S -2'
#
# COMPACT_ATOMS: atom_id res chain seq x y z
N SER A 3 11.59 25.82 8.21
CA SER A 3 12.22 25.81 9.56
C SER A 3 12.84 24.46 9.88
N ILE A 4 14.14 24.47 10.16
CA ILE A 4 14.88 23.26 10.47
C ILE A 4 15.59 23.40 11.82
N THR A 5 15.31 22.48 12.74
CA THR A 5 15.94 22.54 14.05
C THR A 5 16.85 21.35 14.25
N GLU A 6 18.07 21.63 14.71
CA GLU A 6 19.05 20.59 14.94
C GLU A 6 18.75 19.86 16.24
N ASN A 7 18.97 18.54 16.23
CA ASN A 7 18.74 17.71 17.40
C ASN A 7 19.99 16.89 17.66
N THR A 8 20.62 17.17 18.80
CA THR A 8 21.84 16.51 19.20
C THR A 8 21.68 15.04 19.59
N SER A 9 20.50 14.66 20.07
CA SER A 9 20.28 13.27 20.48
C SER A 9 20.21 12.29 19.31
N TRP A 10 20.67 12.72 18.13
CA TRP A 10 20.64 11.85 16.97
C TRP A 10 22.01 11.44 16.44
N ASN A 11 23.01 12.30 16.61
CA ASN A 11 24.36 11.98 16.14
C ASN A 11 24.98 10.77 16.82
N LYS A 12 24.31 10.25 17.86
CA LYS A 12 24.81 9.08 18.56
C LYS A 12 24.81 7.88 17.65
N GLU A 13 23.75 7.74 16.86
CA GLU A 13 23.60 6.64 15.93
C GLU A 13 24.61 6.70 14.80
N PHE A 14 25.02 7.92 14.45
CA PHE A 14 25.99 8.15 13.37
C PHE A 14 27.42 7.85 13.82
N SER A 15 27.86 8.52 14.88
CA SER A 15 29.20 8.35 15.41
C SER A 15 29.47 6.90 15.81
N ALA A 16 28.44 6.24 16.34
CA ALA A 16 28.55 4.85 16.76
C ALA A 16 28.89 3.96 15.57
N GLU A 17 28.56 4.42 14.37
CA GLU A 17 28.82 3.66 13.16
C GLU A 17 29.89 4.33 12.30
N ALA A 18 30.47 5.42 12.82
CA ALA A 18 31.50 6.15 12.10
C ALA A 18 31.00 6.56 10.72
N VAL A 19 29.74 7.00 10.66
CA VAL A 19 29.10 7.40 9.42
C VAL A 19 28.86 8.91 9.33
N ASN A 20 29.19 9.48 8.18
CA ASN A 20 28.94 10.90 7.93
C ASN A 20 27.66 10.96 7.13
N GLY A 21 26.61 11.48 7.73
CA GLY A 21 25.34 11.57 7.03
C GLY A 21 24.36 12.45 7.75
N VAL A 22 23.12 12.46 7.29
CA VAL A 22 22.10 13.28 7.91
C VAL A 22 20.74 12.64 7.84
N PHE A 23 19.92 12.97 8.82
CA PHE A 23 18.56 12.47 8.88
C PHE A 23 17.66 13.67 9.11
N VAL A 24 16.59 13.74 8.32
CA VAL A 24 15.63 14.83 8.45
C VAL A 24 14.28 14.19 8.73
N LEU A 25 13.64 14.61 9.81
CA LEU A 25 12.34 14.09 10.21
C LEU A 25 11.41 15.24 10.50
N CYS A 26 10.24 15.22 9.89
CA CYS A 26 9.26 16.29 10.09
C CYS A 26 7.93 15.67 10.45
N LYS A 27 7.27 16.25 11.45
CA LYS A 27 5.97 15.77 11.87
C LYS A 27 4.88 16.65 11.29
N SER A 28 3.78 16.05 10.87
CA SER A 28 2.65 16.79 10.31
C SER A 28 2.93 17.48 8.98
N SER A 29 4.06 18.16 8.87
CA SER A 29 4.41 18.85 7.64
C SER A 29 5.89 19.14 7.54
N SER A 30 6.33 19.62 6.38
CA SER A 30 7.72 19.93 6.15
C SER A 30 8.06 21.34 6.63
N LYS A 31 7.10 21.99 7.28
CA LYS A 31 7.31 23.34 7.78
C LYS A 31 8.20 23.30 9.02
N SER A 32 8.05 22.24 9.81
CA SER A 32 8.84 22.07 11.02
C SER A 32 9.55 20.72 11.04
N CYS A 33 10.85 20.73 10.77
CA CYS A 33 11.63 19.50 10.72
C CYS A 33 12.78 19.51 11.74
N ALA A 34 13.23 18.32 12.10
CA ALA A 34 14.34 18.15 13.03
C ALA A 34 15.43 17.38 12.27
N THR A 35 16.69 17.62 12.65
CA THR A 35 17.81 16.96 11.98
C THR A 35 19.02 16.92 12.91
N ASN A 36 20.02 16.13 12.55
CA ASN A 36 21.23 16.01 13.34
C ASN A 36 22.31 16.98 12.84
N ASP A 37 22.11 17.51 11.64
CA ASP A 37 23.09 18.42 11.04
C ASP A 37 22.41 19.44 10.12
N LEU A 38 22.23 20.66 10.61
CA LEU A 38 21.59 21.72 9.84
C LEU A 38 22.22 21.92 8.46
N ALA A 39 23.55 21.97 8.42
CA ALA A 39 24.24 22.18 7.16
C ALA A 39 23.95 21.07 6.13
N ARG A 40 24.21 19.82 6.51
CA ARG A 40 23.98 18.70 5.60
C ARG A 40 22.52 18.44 5.23
N ALA A 41 21.59 18.82 6.09
CA ALA A 41 20.18 18.62 5.81
C ALA A 41 19.77 19.28 4.49
N SER A 42 20.39 20.42 4.18
CA SER A 42 20.08 21.15 2.96
C SER A 42 21.14 21.01 1.87
N LYS A 43 22.18 20.22 2.14
CA LYS A 43 23.21 19.99 1.14
C LYS A 43 22.64 19.07 0.07
N GLU A 44 22.88 19.39 -1.19
CA GLU A 44 22.35 18.62 -2.32
C GLU A 44 23.28 17.51 -2.80
N TYR A 45 22.70 16.33 -3.03
CA TYR A 45 23.43 15.16 -3.49
C TYR A 45 22.71 14.48 -4.67
N LEU A 46 23.46 13.66 -5.39
CA LEU A 46 22.91 12.92 -6.51
C LEU A 46 21.78 12.06 -5.92
N PRO A 47 20.57 12.11 -6.49
CA PRO A 47 19.45 11.33 -5.96
C PRO A 47 19.51 9.81 -6.15
N ALA A 48 20.23 9.38 -7.19
CA ALA A 48 20.32 7.95 -7.50
C ALA A 48 18.90 7.42 -7.66
N SER A 49 18.66 6.18 -7.25
CA SER A 49 17.32 5.61 -7.43
C SER A 49 16.14 6.28 -6.72
N THR A 50 16.38 7.26 -5.84
CA THR A 50 15.24 7.92 -5.21
C THR A 50 14.53 8.73 -6.30
N PHE A 51 15.23 8.91 -7.42
CA PHE A 51 14.65 9.64 -8.54
C PHE A 51 13.54 8.81 -9.20
N KCX A 52 13.46 7.52 -8.86
CA KCX A 52 12.42 6.70 -9.47
CB KCX A 52 12.60 5.22 -9.11
CG KCX A 52 13.78 4.54 -9.84
CD KCX A 52 13.82 3.02 -9.64
CE KCX A 52 14.96 2.37 -10.45
NZ KCX A 52 16.29 2.84 -10.06
C KCX A 52 11.02 7.19 -9.08
O KCX A 52 10.04 6.89 -9.76
CX KCX A 52 16.96 3.83 -10.64
OQ1 KCX A 52 18.08 4.17 -10.21
OQ2 KCX A 52 16.52 4.44 -11.64
N ILE A 53 10.92 7.94 -7.99
CA ILE A 53 9.63 8.47 -7.56
C ILE A 53 9.15 9.53 -8.57
N PRO A 54 9.91 10.62 -8.76
CA PRO A 54 9.42 11.60 -9.74
C PRO A 54 9.36 11.03 -11.15
N ASN A 55 10.30 10.16 -11.49
CA ASN A 55 10.31 9.54 -12.82
C ASN A 55 9.03 8.72 -13.06
N ALA A 56 8.58 7.99 -12.04
CA ALA A 56 7.36 7.19 -12.18
C ALA A 56 6.16 8.11 -12.41
N ILE A 57 6.09 9.20 -11.64
CA ILE A 57 5.00 10.17 -11.77
C ILE A 57 4.98 10.79 -13.17
N ILE A 58 6.15 11.22 -13.63
CA ILE A 58 6.28 11.84 -14.94
C ILE A 58 5.94 10.85 -16.05
N GLY A 59 6.35 9.60 -15.88
CA GLY A 59 6.05 8.57 -16.86
C GLY A 59 4.54 8.40 -16.99
N LEU A 60 3.85 8.36 -15.86
CA LEU A 60 2.39 8.21 -15.85
C LEU A 60 1.70 9.44 -16.43
N GLU A 61 2.15 10.62 -16.02
CA GLU A 61 1.59 11.89 -16.49
C GLU A 61 1.68 12.08 -17.98
N THR A 62 2.80 11.67 -18.57
CA THR A 62 3.02 11.83 -20.00
C THR A 62 2.43 10.71 -20.84
N GLY A 63 1.89 9.68 -20.18
CA GLY A 63 1.32 8.58 -20.94
C GLY A 63 2.34 7.54 -21.33
N VAL A 64 3.62 7.81 -21.04
CA VAL A 64 4.71 6.89 -21.33
C VAL A 64 4.41 5.57 -20.62
N ILE A 65 3.92 5.68 -19.39
CA ILE A 65 3.51 4.52 -18.61
C ILE A 65 1.98 4.61 -18.73
N LYS A 66 1.38 3.71 -19.51
CA LYS A 66 -0.07 3.72 -19.75
C LYS A 66 -0.95 3.76 -18.51
N ASN A 67 -0.57 3.02 -17.47
CA ASN A 67 -1.34 2.99 -16.23
C ASN A 67 -0.68 2.10 -15.20
N GLU A 68 -1.31 1.97 -14.05
CA GLU A 68 -0.78 1.18 -12.93
C GLU A 68 -0.61 -0.31 -13.23
N HIS A 69 -1.30 -0.82 -14.25
CA HIS A 69 -1.20 -2.25 -14.55
C HIS A 69 -0.23 -2.53 -15.68
N GLN A 70 0.47 -1.48 -16.10
CA GLN A 70 1.47 -1.56 -17.16
C GLN A 70 2.53 -2.60 -16.76
N VAL A 71 2.85 -3.52 -17.67
CA VAL A 71 3.88 -4.51 -17.40
C VAL A 71 5.11 -4.14 -18.22
N PHE A 72 6.26 -4.12 -17.55
CA PHE A 72 7.51 -3.77 -18.22
C PHE A 72 8.20 -5.08 -18.60
N LYS A 73 8.03 -5.46 -19.86
CA LYS A 73 8.58 -6.69 -20.41
C LYS A 73 10.10 -6.72 -20.53
N TRP A 74 10.70 -7.82 -20.10
CA TRP A 74 12.14 -7.98 -20.20
C TRP A 74 12.41 -8.53 -21.61
N ASP A 75 13.34 -7.91 -22.33
CA ASP A 75 13.66 -8.37 -23.68
C ASP A 75 14.62 -9.55 -23.72
N GLY A 76 15.01 -10.05 -22.57
CA GLY A 76 15.94 -11.18 -22.55
C GLY A 76 17.39 -10.77 -22.60
N LYS A 77 17.65 -9.48 -22.83
CA LYS A 77 19.02 -8.98 -22.87
C LYS A 77 19.53 -8.81 -21.45
N PRO A 78 20.80 -9.15 -21.20
CA PRO A 78 21.42 -9.06 -19.88
C PRO A 78 21.24 -7.71 -19.20
N ARG A 79 20.97 -7.74 -17.90
CA ARG A 79 20.81 -6.52 -17.12
C ARG A 79 21.75 -6.58 -15.94
N ALA A 80 22.15 -5.42 -15.43
CA ALA A 80 23.10 -5.31 -14.33
C ALA A 80 22.84 -6.17 -13.11
N MET A 81 21.56 -6.38 -12.77
CA MET A 81 21.19 -7.23 -11.64
C MET A 81 20.26 -8.32 -12.13
N LYS A 82 20.44 -9.54 -11.64
CA LYS A 82 19.57 -10.64 -12.04
C LYS A 82 18.12 -10.35 -11.70
N GLN A 83 17.90 -9.70 -10.56
CA GLN A 83 16.55 -9.37 -10.12
C GLN A 83 15.83 -8.46 -11.11
N TRP A 84 16.56 -7.90 -12.08
CA TRP A 84 15.94 -7.04 -13.08
C TRP A 84 15.61 -7.82 -14.36
N GLU A 85 16.17 -9.01 -14.49
CA GLU A 85 15.95 -9.82 -15.68
C GLU A 85 14.65 -10.63 -15.61
N ARG A 86 13.54 -9.92 -15.74
CA ARG A 86 12.21 -10.52 -15.69
C ARG A 86 11.18 -9.43 -15.91
N ASP A 87 9.96 -9.84 -16.26
CA ASP A 87 8.88 -8.88 -16.47
C ASP A 87 8.64 -8.21 -15.13
N LEU A 88 8.25 -6.94 -15.15
CA LEU A 88 8.02 -6.22 -13.91
C LEU A 88 6.83 -5.28 -13.97
N THR A 89 6.14 -5.14 -12.85
CA THR A 89 5.03 -4.21 -12.76
C THR A 89 5.70 -2.91 -12.31
N LEU A 90 4.93 -1.84 -12.19
CA LEU A 90 5.49 -0.56 -11.75
C LEU A 90 6.03 -0.71 -10.33
N ARG A 91 5.22 -1.25 -9.41
CA ARG A 91 5.69 -1.42 -8.05
C ARG A 91 6.92 -2.33 -8.01
N GLY A 92 6.89 -3.36 -8.84
CA GLY A 92 8.01 -4.29 -8.89
C GLY A 92 9.29 -3.61 -9.33
N ALA A 93 9.21 -2.82 -10.40
CA ALA A 93 10.39 -2.11 -10.91
C ALA A 93 10.91 -1.12 -9.87
N ILE A 94 10.01 -0.47 -9.16
CA ILE A 94 10.43 0.49 -8.14
C ILE A 94 11.11 -0.25 -6.97
N GLN A 95 10.44 -1.28 -6.45
CA GLN A 95 10.96 -2.04 -5.30
C GLN A 95 12.32 -2.70 -5.50
N VAL A 96 12.57 -3.26 -6.67
CA VAL A 96 13.85 -3.90 -6.92
C VAL A 96 14.82 -2.90 -7.55
N SER A 97 14.37 -1.67 -7.69
CA SER A 97 15.19 -0.61 -8.26
C SER A 97 15.70 -0.96 -9.65
N ALA A 98 14.81 -1.41 -10.53
CA ALA A 98 15.16 -1.81 -11.89
C ALA A 98 15.54 -0.62 -12.78
N VAL A 99 16.82 -0.23 -12.72
CA VAL A 99 17.34 0.88 -13.48
C VAL A 99 17.00 0.90 -14.97
N PRO A 100 17.25 -0.20 -15.70
CA PRO A 100 16.92 -0.19 -17.13
C PRO A 100 15.48 0.18 -17.46
N VAL A 101 14.55 -0.25 -16.62
CA VAL A 101 13.14 0.08 -16.85
C VAL A 101 12.96 1.59 -16.79
N PHE A 102 13.52 2.21 -15.77
CA PHE A 102 13.39 3.65 -15.62
C PHE A 102 14.23 4.44 -16.61
N GLN A 103 15.31 3.84 -17.11
CA GLN A 103 16.12 4.53 -18.12
C GLN A 103 15.28 4.62 -19.40
N GLN A 104 14.56 3.55 -19.73
CA GLN A 104 13.74 3.58 -20.93
C GLN A 104 12.58 4.56 -20.76
N ILE A 105 12.01 4.62 -19.56
CA ILE A 105 10.92 5.55 -19.29
C ILE A 105 11.45 6.97 -19.53
N ALA A 106 12.63 7.24 -19.00
CA ALA A 106 13.26 8.55 -19.15
C ALA A 106 13.45 8.92 -20.62
N ARG A 107 13.99 7.99 -21.41
CA ARG A 107 14.22 8.24 -22.84
C ARG A 107 12.92 8.61 -23.55
N GLU A 108 11.84 7.92 -23.21
CA GLU A 108 10.55 8.18 -23.86
C GLU A 108 9.93 9.48 -23.37
N VAL A 109 10.19 9.81 -22.12
CA VAL A 109 9.70 11.08 -21.57
C VAL A 109 10.42 12.19 -22.37
N GLY A 110 11.72 12.04 -22.58
CA GLY A 110 12.47 13.04 -23.33
C GLY A 110 12.91 14.22 -22.47
N GLU A 111 14.00 14.88 -22.87
CA GLU A 111 14.55 15.97 -22.09
C GLU A 111 13.63 17.17 -21.88
N VAL A 112 12.91 17.59 -22.91
CA VAL A 112 12.03 18.75 -22.76
C VAL A 112 10.98 18.52 -21.68
N ARG A 113 10.26 17.39 -21.75
CA ARG A 113 9.25 17.12 -20.75
C ARG A 113 9.88 16.84 -19.39
N MET A 114 11.04 16.19 -19.36
CA MET A 114 11.70 15.90 -18.10
C MET A 114 12.05 17.21 -17.40
N GLN A 115 12.66 18.13 -18.15
CA GLN A 115 13.03 19.44 -17.62
C GLN A 115 11.80 20.16 -17.08
N LYS A 116 10.73 20.17 -17.87
CA LYS A 116 9.49 20.81 -17.50
C LYS A 116 8.93 20.32 -16.16
N TYR A 117 8.87 19.01 -15.98
CA TYR A 117 8.35 18.47 -14.73
C TYR A 117 9.25 18.69 -13.50
N LEU A 118 10.56 18.61 -13.65
CA LEU A 118 11.41 18.84 -12.48
C LEU A 118 11.26 20.30 -12.01
N LYS A 119 10.91 21.19 -12.93
CA LYS A 119 10.69 22.58 -12.58
C LYS A 119 9.37 22.67 -11.81
N LYS A 120 8.32 22.02 -12.33
CA LYS A 120 7.03 22.04 -11.66
C LYS A 120 7.11 21.38 -10.27
N PHE A 121 7.93 20.34 -10.15
CA PHE A 121 8.09 19.63 -8.87
C PHE A 121 9.12 20.28 -7.95
N SER A 122 9.78 21.35 -8.39
CA SER A 122 10.81 22.01 -7.59
C SER A 122 11.76 20.94 -7.07
N TYR A 123 12.21 20.07 -7.98
CA TYR A 123 13.08 18.96 -7.64
C TYR A 123 14.58 19.26 -7.63
N GLY A 124 15.13 19.58 -6.46
CA GLY A 124 16.55 19.87 -6.35
C GLY A 124 17.04 20.96 -7.30
N ASN A 125 18.26 20.81 -7.80
CA ASN A 125 18.80 21.81 -8.71
C ASN A 125 18.21 21.71 -10.14
N GLN A 126 17.34 20.73 -10.36
CA GLN A 126 16.68 20.57 -11.67
C GLN A 126 17.62 20.45 -12.86
N ASN A 127 18.82 19.95 -12.63
CA ASN A 127 19.83 19.80 -13.68
C ASN A 127 19.79 18.39 -14.26
N ILE A 128 19.30 18.25 -15.48
CA ILE A 128 19.21 16.92 -16.11
C ILE A 128 20.25 16.65 -17.19
N SER A 129 21.28 17.49 -17.29
CA SER A 129 22.30 17.33 -18.32
C SER A 129 23.18 16.09 -18.14
N GLY A 130 23.83 15.67 -19.22
CA GLY A 130 24.72 14.52 -19.13
C GLY A 130 24.19 13.21 -19.70
N GLY A 131 22.97 13.22 -20.24
CA GLY A 131 22.41 12.00 -20.78
C GLY A 131 21.05 11.81 -20.17
N ILE A 132 20.03 11.76 -21.01
CA ILE A 132 18.65 11.63 -20.55
C ILE A 132 18.38 10.34 -19.77
N ASP A 133 19.22 9.33 -19.95
CA ASP A 133 19.01 8.06 -19.26
C ASP A 133 19.97 7.78 -18.12
N LYS A 134 20.68 8.81 -17.65
CA LYS A 134 21.62 8.59 -16.57
C LYS A 134 21.94 9.81 -15.71
N PHE A 135 21.22 10.92 -15.90
CA PHE A 135 21.51 12.12 -15.13
C PHE A 135 21.35 11.97 -13.62
N TRP A 136 20.45 11.08 -13.20
CA TRP A 136 20.21 10.85 -11.77
C TRP A 136 21.17 9.79 -11.19
N LEU A 137 21.96 9.17 -12.06
CA LEU A 137 22.92 8.14 -11.67
C LEU A 137 24.37 8.65 -11.67
N GLU A 138 24.70 9.48 -12.65
CA GLU A 138 26.08 9.98 -12.75
C GLU A 138 26.13 11.39 -13.29
N GLY A 139 24.97 12.03 -13.41
CA GLY A 139 24.90 13.37 -13.94
C GLY A 139 25.12 14.47 -12.94
N GLN A 140 24.53 15.63 -13.21
CA GLN A 140 24.66 16.79 -12.36
C GLN A 140 23.45 17.10 -11.48
N LEU A 141 22.44 16.25 -11.55
CA LEU A 141 21.24 16.44 -10.74
C LEU A 141 21.59 16.28 -9.27
N ARG A 142 21.13 17.21 -8.45
CA ARG A 142 21.40 17.17 -7.02
C ARG A 142 20.14 17.60 -6.26
N ILE A 143 19.90 16.98 -5.11
CA ILE A 143 18.75 17.30 -4.29
C ILE A 143 19.09 17.03 -2.82
N SER A 144 18.55 17.85 -1.92
CA SER A 144 18.82 17.72 -0.48
C SER A 144 17.77 16.92 0.26
N ALA A 145 18.12 16.48 1.46
CA ALA A 145 17.19 15.72 2.30
C ALA A 145 15.94 16.57 2.57
N VAL A 146 16.13 17.87 2.80
CA VAL A 146 15.00 18.75 3.08
C VAL A 146 14.12 18.87 1.83
N ASN A 147 14.76 19.00 0.66
CA ASN A 147 13.99 19.11 -0.56
C ASN A 147 13.24 17.79 -0.79
N GLN A 148 13.85 16.67 -0.42
CA GLN A 148 13.20 15.37 -0.59
C GLN A 148 11.91 15.34 0.24
N VAL A 149 11.98 15.80 1.48
CA VAL A 149 10.80 15.79 2.35
C VAL A 149 9.66 16.67 1.83
N GLU A 150 10.01 17.84 1.33
CA GLU A 150 9.03 18.76 0.77
C GLU A 150 8.35 18.09 -0.43
N PHE A 151 9.15 17.44 -1.26
CA PHE A 151 8.64 16.75 -2.44
C PHE A 151 7.67 15.64 -2.03
N LEU A 152 8.08 14.82 -1.07
CA LEU A 152 7.23 13.73 -0.61
C LEU A 152 5.95 14.24 0.06
N GLU A 153 6.02 15.36 0.77
CA GLU A 153 4.83 15.90 1.39
C GLU A 153 3.82 16.30 0.33
N SER A 154 4.29 16.96 -0.73
CA SER A 154 3.40 17.36 -1.81
C SER A 154 2.74 16.11 -2.40
N LEU A 155 3.54 15.05 -2.59
CA LEU A 155 3.02 13.79 -3.13
C LEU A 155 1.91 13.25 -2.21
N TYR A 156 2.23 13.13 -0.93
CA TYR A 156 1.27 12.64 0.07
C TYR A 156 -0.04 13.43 0.00
N LEU A 157 0.07 14.75 -0.11
CA LEU A 157 -1.09 15.61 -0.17
C LEU A 157 -1.69 15.75 -1.57
N ASN A 158 -1.13 15.00 -2.53
CA ASN A 158 -1.61 15.06 -3.90
C ASN A 158 -1.49 16.48 -4.46
N LYS A 159 -0.45 17.20 -4.03
CA LYS A 159 -0.25 18.57 -4.47
C LYS A 159 0.72 18.79 -5.62
N LEU A 160 1.34 17.72 -6.11
CA LEU A 160 2.27 17.86 -7.23
C LEU A 160 1.45 18.15 -8.49
N SER A 161 2.10 18.71 -9.50
CA SER A 161 1.41 19.03 -10.75
C SER A 161 1.23 17.75 -11.55
N ALA A 162 0.20 16.99 -11.19
CA ALA A 162 -0.11 15.73 -11.85
C ALA A 162 -1.47 15.31 -11.34
N SER A 163 -2.12 14.38 -12.03
CA SER A 163 -3.44 13.92 -11.61
C SER A 163 -3.33 13.23 -10.25
N LYS A 164 -4.40 13.30 -9.46
CA LYS A 164 -4.38 12.66 -8.14
C LYS A 164 -4.25 11.16 -8.36
N GLU A 165 -4.90 10.70 -9.42
CA GLU A 165 -4.89 9.31 -9.82
C GLU A 165 -3.44 8.80 -9.92
N ASN A 166 -2.63 9.52 -10.68
CA ASN A 166 -1.24 9.10 -10.86
C ASN A 166 -0.42 9.22 -9.59
N GLN A 167 -0.72 10.20 -8.74
CA GLN A 167 0.02 10.32 -7.50
C GLN A 167 -0.39 9.16 -6.58
N LEU A 168 -1.67 8.80 -6.61
CA LEU A 168 -2.15 7.68 -5.79
C LEU A 168 -1.47 6.38 -6.23
N ILE A 169 -1.35 6.20 -7.55
CA ILE A 169 -0.72 5.01 -8.11
C ILE A 169 0.72 4.85 -7.62
N VAL A 170 1.49 5.94 -7.68
CA VAL A 170 2.88 5.91 -7.24
C VAL A 170 2.96 5.74 -5.73
N LYS A 171 2.04 6.37 -5.01
CA LYS A 171 2.06 6.24 -3.56
C LYS A 171 1.91 4.77 -3.15
N GLU A 172 1.00 4.04 -3.79
CA GLU A 172 0.85 2.64 -3.38
C GLU A 172 2.08 1.83 -3.76
N ALA A 173 2.67 2.15 -4.90
CA ALA A 173 3.87 1.44 -5.35
C ALA A 173 5.02 1.64 -4.39
N LEU A 174 4.93 2.68 -3.54
CA LEU A 174 6.00 2.97 -2.60
C LEU A 174 5.83 2.35 -1.21
N VAL A 175 4.69 1.69 -0.94
CA VAL A 175 4.51 1.08 0.37
C VAL A 175 5.56 -0.01 0.56
N THR A 176 6.32 0.05 1.66
CA THR A 176 7.35 -0.94 1.93
C THR A 176 7.16 -1.67 3.25
N GLU A 177 6.25 -1.15 4.07
CA GLU A 177 5.94 -1.81 5.33
C GLU A 177 4.53 -1.46 5.75
N ALA A 178 3.77 -2.49 6.11
CA ALA A 178 2.40 -2.32 6.53
C ALA A 178 2.20 -2.99 7.86
N ALA A 179 1.49 -2.29 8.74
CA ALA A 179 1.19 -2.77 10.09
C ALA A 179 -0.19 -2.22 10.43
N PRO A 180 -0.88 -2.82 11.39
CA PRO A 180 -2.21 -2.36 11.80
C PRO A 180 -2.26 -0.87 12.12
N GLU A 181 -1.27 -0.41 12.88
CA GLU A 181 -1.20 0.99 13.30
C GLU A 181 -0.58 1.97 12.30
N TYR A 182 0.28 1.49 11.41
CA TYR A 182 0.91 2.41 10.46
C TYR A 182 1.30 1.81 9.12
N LEU A 183 1.59 2.71 8.17
CA LEU A 183 1.98 2.33 6.83
C LEU A 183 3.24 3.13 6.50
N VAL A 184 4.22 2.46 5.88
CA VAL A 184 5.46 3.13 5.51
C VAL A 184 5.66 3.14 4.00
N HIS A 185 5.85 4.33 3.45
CA HIS A 185 6.09 4.51 2.02
C HIS A 185 7.53 4.96 1.94
N SER A 186 8.36 4.28 1.16
CA SER A 186 9.76 4.68 1.08
C SER A 186 10.46 4.21 -0.17
N LYS A 187 11.65 4.75 -0.39
CA LYS A 187 12.49 4.37 -1.51
C LYS A 187 13.96 4.54 -1.13
N THR A 188 14.75 3.51 -1.40
CA THR A 188 16.18 3.54 -1.12
C THR A 188 16.92 4.00 -2.38
N GLY A 189 18.17 4.40 -2.20
CA GLY A 189 19.00 4.86 -3.29
C GLY A 189 20.47 4.64 -2.96
N PHE A 190 21.28 4.39 -3.99
CA PHE A 190 22.71 4.14 -3.82
C PHE A 190 23.39 4.57 -5.12
N SER A 191 24.25 5.59 -5.04
CA SER A 191 24.93 6.07 -6.23
C SER A 191 26.16 5.24 -6.59
N GLY A 192 26.67 4.50 -5.61
CA GLY A 192 27.86 3.71 -5.84
C GLY A 192 28.87 4.02 -4.75
N VAL A 193 30.09 3.51 -4.89
CA VAL A 193 31.12 3.73 -3.88
C VAL A 193 31.94 5.00 -4.12
N GLY A 194 31.66 5.67 -5.24
CA GLY A 194 32.36 6.90 -5.55
C GLY A 194 33.81 6.66 -5.95
N THR A 195 34.64 7.69 -5.80
CA THR A 195 36.06 7.59 -6.14
C THR A 195 36.88 8.14 -4.97
N GLU A 196 38.20 8.05 -5.09
CA GLU A 196 39.08 8.54 -4.03
C GLU A 196 38.76 9.99 -3.67
N SER A 197 38.62 10.25 -2.37
CA SER A 197 38.32 11.59 -1.88
C SER A 197 36.91 12.05 -2.26
N ASN A 198 36.15 11.18 -2.92
CA ASN A 198 34.79 11.52 -3.32
C ASN A 198 33.84 10.34 -3.13
N PRO A 199 33.38 10.12 -1.90
CA PRO A 199 32.48 9.01 -1.59
C PRO A 199 31.13 9.08 -2.28
N GLY A 200 30.50 7.92 -2.44
CA GLY A 200 29.20 7.88 -3.06
C GLY A 200 28.18 8.25 -2.00
N VAL A 201 26.90 8.20 -2.36
CA VAL A 201 25.86 8.54 -1.41
C VAL A 201 24.81 7.43 -1.37
N ALA A 202 24.23 7.21 -0.19
CA ALA A 202 23.20 6.20 -0.01
C ALA A 202 22.01 6.92 0.60
N TRP A 203 20.81 6.61 0.13
CA TRP A 203 19.59 7.27 0.60
C TRP A 203 18.51 6.32 1.10
N TRP A 204 17.58 6.91 1.84
CA TRP A 204 16.36 6.24 2.30
C TRP A 204 15.41 7.39 2.63
N VAL A 205 14.41 7.57 1.79
CA VAL A 205 13.46 8.65 2.01
C VAL A 205 12.04 8.09 1.95
N GLY A 206 11.11 8.83 2.52
CA GLY A 206 9.73 8.38 2.52
C GLY A 206 8.95 9.05 3.61
N TRP A 207 7.81 8.45 3.99
CA TRP A 207 7.00 9.01 5.05
C TRP A 207 6.24 7.91 5.76
N VAL A 208 5.87 8.19 7.00
CA VAL A 208 5.14 7.23 7.83
C VAL A 208 3.75 7.78 8.19
N GLU A 209 2.73 6.98 7.91
CA GLU A 209 1.36 7.35 8.23
C GLU A 209 0.98 6.53 9.45
N LYS A 210 1.16 7.12 10.63
CA LYS A 210 0.86 6.44 11.89
C LYS A 210 -0.27 7.15 12.62
N GLU A 211 -1.23 6.38 13.12
CA GLU A 211 -2.38 6.96 13.80
C GLU A 211 -2.96 7.97 12.82
N THR A 212 -3.24 9.18 13.30
CA THR A 212 -3.78 10.21 12.43
C THR A 212 -2.69 11.22 12.10
N GLU A 213 -1.46 10.89 12.46
CA GLU A 213 -0.33 11.78 12.20
C GLU A 213 0.50 11.25 11.03
N VAL A 214 1.34 12.11 10.47
CA VAL A 214 2.20 11.73 9.36
C VAL A 214 3.60 12.27 9.59
N TYR A 215 4.59 11.45 9.25
CA TYR A 215 5.99 11.81 9.43
C TYR A 215 6.73 11.66 8.11
N PHE A 216 7.44 12.71 7.72
CA PHE A 216 8.21 12.70 6.47
C PHE A 216 9.68 12.59 6.84
N PHE A 217 10.41 11.69 6.20
CA PHE A 217 11.81 11.54 6.52
C PHE A 217 12.71 11.44 5.28
N ALA A 218 13.97 11.77 5.49
CA ALA A 218 14.95 11.70 4.41
C ALA A 218 16.29 11.50 5.08
N PHE A 219 17.01 10.49 4.64
CA PHE A 219 18.33 10.18 5.19
C PHE A 219 19.31 9.89 4.06
N ASN A 220 20.53 10.39 4.20
CA ASN A 220 21.59 10.11 3.23
C ASN A 220 22.91 10.04 3.96
N MET A 221 23.86 9.32 3.38
CA MET A 221 25.17 9.18 4.01
C MET A 221 26.25 8.97 2.97
N ASP A 222 27.49 9.33 3.32
CA ASP A 222 28.61 9.12 2.43
C ASP A 222 28.88 7.62 2.56
N ILE A 223 29.26 6.99 1.45
CA ILE A 223 29.53 5.56 1.47
C ILE A 223 30.58 5.20 0.43
N ASP A 224 31.57 4.39 0.84
CA ASP A 224 32.62 3.96 -0.07
C ASP A 224 32.81 2.45 -0.04
N ASN A 225 31.85 1.76 0.54
CA ASN A 225 31.88 0.30 0.62
C ASN A 225 30.47 -0.23 0.70
N GLU A 226 30.06 -0.97 -0.32
CA GLU A 226 28.72 -1.52 -0.40
C GLU A 226 28.28 -2.28 0.86
N SER A 227 29.23 -2.76 1.65
CA SER A 227 28.89 -3.51 2.86
C SER A 227 28.22 -2.62 3.90
N LYS A 228 28.42 -1.30 3.79
CA LYS A 228 27.84 -0.35 4.73
C LYS A 228 26.40 0.02 4.38
N LEU A 229 25.94 -0.45 3.23
CA LEU A 229 24.60 -0.16 2.72
C LEU A 229 23.46 -0.34 3.73
N PRO A 230 23.44 -1.44 4.49
CA PRO A 230 22.38 -1.67 5.47
C PRO A 230 22.16 -0.50 6.43
N LEU A 231 23.22 0.27 6.67
CA LEU A 231 23.15 1.41 7.57
C LEU A 231 22.19 2.50 7.11
N ARG A 232 21.91 2.58 5.82
CA ARG A 232 21.01 3.61 5.30
C ARG A 232 19.60 3.41 5.86
N LYS A 233 19.31 2.20 6.29
CA LYS A 233 18.01 1.89 6.87
C LYS A 233 18.05 1.72 8.39
N SER A 234 19.10 1.09 8.90
CA SER A 234 19.20 0.86 10.34
C SER A 234 19.27 2.13 11.19
N ILE A 235 20.13 3.07 10.79
CA ILE A 235 20.28 4.31 11.53
C ILE A 235 18.97 5.10 11.58
N PRO A 236 18.29 5.29 10.44
CA PRO A 236 17.02 6.02 10.42
C PRO A 236 15.93 5.28 11.18
N THR A 237 15.88 3.97 11.00
CA THR A 237 14.89 3.14 11.67
C THR A 237 15.09 3.25 13.18
N LYS A 238 16.34 3.21 13.62
CA LYS A 238 16.62 3.33 15.04
C LYS A 238 16.11 4.66 15.56
N ILE A 239 16.44 5.74 14.84
CA ILE A 239 16.00 7.08 15.25
C ILE A 239 14.47 7.19 15.33
N MET A 240 13.78 6.66 14.33
CA MET A 240 12.32 6.74 14.33
C MET A 240 11.72 5.80 15.37
N GLU A 241 12.46 4.78 15.77
CA GLU A 241 11.95 3.85 16.78
C GLU A 241 12.04 4.52 18.15
N SER A 242 13.11 5.28 18.38
CA SER A 242 13.28 5.97 19.65
C SER A 242 12.28 7.11 19.77
N GLU A 243 11.68 7.49 18.64
CA GLU A 243 10.69 8.56 18.62
C GLU A 243 9.29 7.93 18.70
N GLY A 244 9.26 6.60 18.77
CA GLY A 244 7.98 5.91 18.85
C GLY A 244 7.13 6.04 17.60
N ILE A 245 7.79 6.25 16.46
CA ILE A 245 7.09 6.40 15.19
C ILE A 245 6.83 5.05 14.54
N ILE A 246 7.81 4.15 14.64
CA ILE A 246 7.71 2.81 14.08
C ILE A 246 8.34 1.80 15.03
N GLY B 2 -13.20 -17.35 -17.74
CA GLY B 2 -13.09 -17.67 -16.28
C GLY B 2 -13.41 -19.12 -16.01
N SER B 3 -12.86 -19.66 -14.93
CA SER B 3 -13.11 -21.05 -14.58
C SER B 3 -12.77 -21.34 -13.14
N ILE B 4 -13.31 -22.44 -12.63
CA ILE B 4 -13.04 -22.83 -11.26
C ILE B 4 -12.94 -24.34 -11.21
N THR B 5 -12.00 -24.83 -10.42
CA THR B 5 -11.74 -26.25 -10.28
C THR B 5 -11.65 -26.60 -8.81
N GLU B 6 -12.10 -27.79 -8.44
CA GLU B 6 -12.04 -28.21 -7.06
C GLU B 6 -10.76 -28.97 -6.74
N ASN B 7 -10.20 -28.68 -5.58
CA ASN B 7 -8.98 -29.31 -5.09
C ASN B 7 -9.20 -29.66 -3.63
N THR B 8 -9.73 -30.86 -3.40
CA THR B 8 -10.03 -31.32 -2.05
C THR B 8 -8.81 -31.54 -1.18
N SER B 9 -7.62 -31.48 -1.78
CA SER B 9 -6.39 -31.67 -1.02
C SER B 9 -6.25 -30.57 0.04
N TRP B 10 -6.79 -29.39 -0.24
CA TRP B 10 -6.71 -28.27 0.69
C TRP B 10 -7.47 -28.54 1.99
N ASN B 11 -8.46 -29.44 1.93
CA ASN B 11 -9.23 -29.77 3.13
C ASN B 11 -8.30 -30.20 4.24
N LYS B 12 -7.08 -30.58 3.86
CA LYS B 12 -6.06 -31.00 4.81
C LYS B 12 -5.92 -29.97 5.92
N GLU B 13 -5.70 -28.72 5.54
CA GLU B 13 -5.53 -27.63 6.49
C GLU B 13 -6.79 -27.39 7.30
N PHE B 14 -7.93 -27.79 6.76
CA PHE B 14 -9.20 -27.63 7.44
C PHE B 14 -9.42 -28.70 8.51
N SER B 15 -9.13 -29.95 8.16
CA SER B 15 -9.30 -31.05 9.09
C SER B 15 -8.34 -30.92 10.27
N ALA B 16 -7.07 -30.67 9.97
CA ALA B 16 -6.05 -30.52 11.01
C ALA B 16 -6.48 -29.53 12.09
N GLU B 17 -7.38 -28.62 11.75
CA GLU B 17 -7.86 -27.63 12.71
C GLU B 17 -9.33 -27.85 13.08
N ALA B 18 -9.91 -28.93 12.55
CA ALA B 18 -11.30 -29.27 12.84
C ALA B 18 -12.21 -28.11 12.43
N VAL B 19 -11.91 -27.50 11.28
CA VAL B 19 -12.68 -26.38 10.80
C VAL B 19 -13.43 -26.69 9.50
N ASN B 20 -14.67 -26.23 9.42
CA ASN B 20 -15.47 -26.42 8.21
C ASN B 20 -15.51 -25.06 7.53
N GLY B 21 -14.92 -24.98 6.36
CA GLY B 21 -14.88 -23.72 5.64
C GLY B 21 -14.43 -23.89 4.21
N VAL B 22 -14.23 -22.77 3.53
CA VAL B 22 -13.82 -22.82 2.14
C VAL B 22 -12.77 -21.77 1.80
N PHE B 23 -11.94 -22.09 0.83
CA PHE B 23 -10.92 -21.17 0.36
C PHE B 23 -11.01 -21.11 -1.14
N VAL B 24 -11.06 -19.91 -1.69
CA VAL B 24 -11.12 -19.71 -3.13
C VAL B 24 -9.89 -18.88 -3.48
N LEU B 25 -9.12 -19.38 -4.43
CA LEU B 25 -7.89 -18.72 -4.88
C LEU B 25 -7.88 -18.66 -6.39
N CYS B 26 -7.82 -17.45 -6.95
CA CYS B 26 -7.84 -17.28 -8.38
C CYS B 26 -6.58 -16.62 -8.94
N LYS B 27 -6.12 -17.13 -10.07
CA LYS B 27 -4.94 -16.59 -10.74
C LYS B 27 -5.45 -15.67 -11.85
N SER B 28 -5.10 -14.39 -11.76
CA SER B 28 -5.56 -13.39 -12.72
C SER B 28 -5.17 -13.60 -14.18
N SER B 29 -3.92 -13.99 -14.44
CA SER B 29 -3.48 -14.18 -15.83
C SER B 29 -4.28 -15.25 -16.56
N SER B 30 -4.50 -16.39 -15.92
CA SER B 30 -5.26 -17.48 -16.53
C SER B 30 -6.74 -17.35 -16.25
N LYS B 31 -7.10 -16.42 -15.37
CA LYS B 31 -8.49 -16.20 -15.00
C LYS B 31 -9.12 -17.52 -14.52
N SER B 32 -8.33 -18.32 -13.81
CA SER B 32 -8.81 -19.59 -13.31
C SER B 32 -8.70 -19.64 -11.78
N CYS B 33 -9.72 -20.23 -11.15
CA CYS B 33 -9.76 -20.35 -9.70
C CYS B 33 -9.71 -21.80 -9.24
N ALA B 34 -9.31 -21.97 -7.98
CA ALA B 34 -9.23 -23.30 -7.38
C ALA B 34 -9.89 -23.20 -6.01
N THR B 35 -10.54 -24.27 -5.58
CA THR B 35 -11.19 -24.28 -4.28
C THR B 35 -11.29 -25.68 -3.68
N ASN B 36 -11.29 -25.74 -2.35
CA ASN B 36 -11.38 -27.02 -1.66
C ASN B 36 -12.80 -27.57 -1.69
N ASP B 37 -13.79 -26.68 -1.85
CA ASP B 37 -15.19 -27.11 -1.88
C ASP B 37 -16.04 -26.20 -2.77
N LEU B 38 -16.40 -26.70 -3.94
CA LEU B 38 -17.21 -25.94 -4.89
C LEU B 38 -18.54 -25.49 -4.31
N ALA B 39 -19.16 -26.34 -3.51
CA ALA B 39 -20.45 -26.02 -2.91
C ALA B 39 -20.38 -24.84 -1.95
N ARG B 40 -19.54 -24.93 -0.94
CA ARG B 40 -19.43 -23.85 0.03
C ARG B 40 -18.92 -22.57 -0.63
N ALA B 41 -18.12 -22.72 -1.68
CA ALA B 41 -17.57 -21.58 -2.40
C ALA B 41 -18.70 -20.69 -2.94
N SER B 42 -19.84 -21.31 -3.26
CA SER B 42 -20.99 -20.57 -3.77
C SER B 42 -22.03 -20.22 -2.70
N LYS B 43 -21.87 -20.77 -1.50
CA LYS B 43 -22.81 -20.47 -0.41
C LYS B 43 -22.63 -19.03 0.05
N GLU B 44 -23.75 -18.35 0.30
CA GLU B 44 -23.73 -16.95 0.72
C GLU B 44 -23.84 -16.76 2.23
N TYR B 45 -22.96 -15.92 2.78
CA TYR B 45 -22.94 -15.65 4.21
C TYR B 45 -22.93 -14.14 4.45
N LEU B 46 -23.17 -13.75 5.70
CA LEU B 46 -23.14 -12.34 6.08
C LEU B 46 -21.71 -11.87 5.83
N PRO B 47 -21.54 -10.77 5.08
CA PRO B 47 -20.21 -10.25 4.80
C PRO B 47 -19.52 -9.68 6.04
N ALA B 48 -20.32 -9.33 7.04
CA ALA B 48 -19.79 -8.76 8.26
C ALA B 48 -18.86 -7.59 7.89
N SER B 49 -17.73 -7.46 8.59
CA SER B 49 -16.82 -6.35 8.32
C SER B 49 -16.18 -6.32 6.93
N THR B 50 -16.29 -7.39 6.15
CA THR B 50 -15.71 -7.35 4.82
C THR B 50 -16.54 -6.37 3.99
N PHE B 51 -17.71 -5.99 4.52
CA PHE B 51 -18.59 -5.06 3.82
C PHE B 51 -18.00 -3.65 3.89
N KCX B 52 -17.03 -3.45 4.78
CA KCX B 52 -16.41 -2.14 4.87
CB KCX B 52 -15.45 -2.09 6.05
CG KCX B 52 -16.15 -2.08 7.42
CD KCX B 52 -15.15 -1.87 8.54
CE KCX B 52 -15.84 -1.84 9.92
NZ KCX B 52 -16.53 -3.09 10.24
C KCX B 52 -15.72 -1.75 3.57
O KCX B 52 -15.43 -0.57 3.34
CX KCX B 52 -17.83 -3.30 10.07
OQ1 KCX B 52 -18.35 -4.40 10.36
OQ2 KCX B 52 -18.58 -2.39 9.63
N ILE B 53 -15.44 -2.72 2.71
CA ILE B 53 -14.78 -2.41 1.44
C ILE B 53 -15.77 -1.67 0.54
N PRO B 54 -16.89 -2.31 0.16
CA PRO B 54 -17.83 -1.57 -0.69
C PRO B 54 -18.39 -0.33 0.01
N ASN B 55 -18.59 -0.44 1.32
CA ASN B 55 -19.13 0.68 2.10
C ASN B 55 -18.21 1.89 2.00
N ALA B 56 -16.90 1.65 2.10
CA ALA B 56 -15.93 2.75 2.02
C ALA B 56 -15.98 3.38 0.64
N ILE B 57 -16.06 2.55 -0.38
CA ILE B 57 -16.13 3.02 -1.76
C ILE B 57 -17.38 3.87 -1.94
N ILE B 58 -18.52 3.36 -1.47
CA ILE B 58 -19.78 4.07 -1.58
C ILE B 58 -19.72 5.41 -0.83
N GLY B 59 -19.06 5.41 0.34
CA GLY B 59 -18.94 6.62 1.12
C GLY B 59 -18.18 7.72 0.40
N LEU B 60 -17.10 7.35 -0.28
CA LEU B 60 -16.29 8.32 -1.03
C LEU B 60 -17.05 8.81 -2.25
N GLU B 61 -17.68 7.86 -2.94
CA GLU B 61 -18.43 8.15 -4.16
C GLU B 61 -19.59 9.12 -3.92
N THR B 62 -20.32 8.94 -2.81
CA THR B 62 -21.46 9.79 -2.49
C THR B 62 -21.03 11.09 -1.83
N GLY B 63 -19.75 11.19 -1.47
CA GLY B 63 -19.27 12.39 -0.84
C GLY B 63 -19.39 12.36 0.68
N VAL B 64 -19.99 11.29 1.21
CA VAL B 64 -20.13 11.16 2.65
C VAL B 64 -18.75 11.17 3.28
N ILE B 65 -17.81 10.52 2.61
CA ILE B 65 -16.42 10.51 3.06
C ILE B 65 -15.71 11.55 2.22
N LYS B 66 -15.16 12.56 2.89
CA LYS B 66 -14.46 13.66 2.24
C LYS B 66 -13.42 13.16 1.23
N ASN B 67 -12.31 12.67 1.76
CA ASN B 67 -11.23 12.15 0.93
C ASN B 67 -10.41 11.16 1.74
N GLU B 68 -9.30 10.71 1.16
CA GLU B 68 -8.43 9.76 1.82
C GLU B 68 -7.89 10.33 3.12
N HIS B 69 -7.78 11.65 3.20
CA HIS B 69 -7.23 12.27 4.40
C HIS B 69 -8.24 12.61 5.51
N GLN B 70 -9.52 12.32 5.28
CA GLN B 70 -10.50 12.63 6.31
C GLN B 70 -10.20 11.86 7.60
N VAL B 71 -10.30 12.56 8.72
CA VAL B 71 -10.06 11.95 10.03
C VAL B 71 -11.38 11.80 10.75
N PHE B 72 -11.74 10.58 11.09
CA PHE B 72 -12.98 10.31 11.80
C PHE B 72 -12.72 10.50 13.29
N LYS B 73 -13.12 11.66 13.80
CA LYS B 73 -12.93 12.02 15.20
C LYS B 73 -13.80 11.22 16.15
N TRP B 74 -13.23 10.83 17.29
CA TRP B 74 -13.97 10.07 18.29
C TRP B 74 -14.77 11.05 19.15
N ASP B 75 -16.05 10.76 19.33
CA ASP B 75 -16.93 11.64 20.11
C ASP B 75 -16.74 11.49 21.62
N GLY B 76 -15.98 10.49 22.04
CA GLY B 76 -15.73 10.28 23.46
C GLY B 76 -16.66 9.25 24.08
N LYS B 77 -17.85 9.09 23.51
CA LYS B 77 -18.81 8.12 24.02
C LYS B 77 -18.24 6.71 23.84
N PRO B 78 -18.15 5.95 24.94
CA PRO B 78 -17.62 4.58 24.92
C PRO B 78 -18.07 3.74 23.72
N ARG B 79 -17.20 2.83 23.29
CA ARG B 79 -17.50 1.95 22.16
C ARG B 79 -17.26 0.48 22.50
N ALA B 80 -17.86 -0.40 21.70
CA ALA B 80 -17.74 -1.84 21.90
C ALA B 80 -16.31 -2.33 22.09
N MET B 81 -15.35 -1.63 21.48
CA MET B 81 -13.94 -2.00 21.62
C MET B 81 -13.09 -0.78 21.89
N LYS B 82 -12.16 -0.91 22.83
CA LYS B 82 -11.27 0.19 23.19
C LYS B 82 -10.39 0.60 22.01
N GLN B 83 -10.26 -0.30 21.03
CA GLN B 83 -9.45 -0.03 19.86
C GLN B 83 -10.11 1.03 18.99
N TRP B 84 -11.43 1.17 19.12
CA TRP B 84 -12.17 2.16 18.32
C TRP B 84 -12.30 3.51 18.99
N GLU B 85 -11.86 3.60 20.25
CA GLU B 85 -11.96 4.86 20.99
C GLU B 85 -10.75 5.74 20.72
N ARG B 86 -10.73 6.35 19.54
CA ARG B 86 -9.63 7.21 19.12
C ARG B 86 -10.01 7.83 17.77
N ASP B 87 -9.23 8.82 17.34
CA ASP B 87 -9.48 9.45 16.05
C ASP B 87 -8.92 8.45 15.03
N LEU B 88 -9.63 8.25 13.93
CA LEU B 88 -9.17 7.30 12.93
C LEU B 88 -9.21 7.84 11.50
N THR B 89 -8.30 7.34 10.67
CA THR B 89 -8.23 7.71 9.27
C THR B 89 -9.05 6.62 8.59
N LEU B 90 -9.32 6.77 7.29
CA LEU B 90 -10.07 5.75 6.58
C LEU B 90 -9.38 4.40 6.78
N ARG B 91 -8.08 4.37 6.51
CA ARG B 91 -7.31 3.13 6.68
C ARG B 91 -7.40 2.63 8.12
N GLY B 92 -7.21 3.53 9.06
CA GLY B 92 -7.28 3.15 10.46
C GLY B 92 -8.60 2.48 10.80
N ALA B 93 -9.70 3.09 10.37
CA ALA B 93 -11.04 2.58 10.64
C ALA B 93 -11.32 1.21 9.99
N ILE B 94 -10.75 0.98 8.81
CA ILE B 94 -10.92 -0.29 8.13
C ILE B 94 -10.06 -1.37 8.79
N GLN B 95 -8.82 -1.01 9.13
CA GLN B 95 -7.91 -1.96 9.76
C GLN B 95 -8.40 -2.46 11.12
N VAL B 96 -8.95 -1.57 11.94
CA VAL B 96 -9.46 -1.97 13.25
C VAL B 96 -10.93 -2.34 13.21
N SER B 97 -11.53 -2.28 12.01
CA SER B 97 -12.95 -2.60 11.83
C SER B 97 -13.82 -1.78 12.79
N ALA B 98 -13.70 -0.45 12.71
CA ALA B 98 -14.48 0.42 13.58
C ALA B 98 -15.93 0.52 13.11
N VAL B 99 -16.74 -0.46 13.52
CA VAL B 99 -18.16 -0.52 13.18
C VAL B 99 -18.90 0.81 13.26
N PRO B 100 -18.91 1.45 14.44
CA PRO B 100 -19.62 2.73 14.59
C PRO B 100 -19.31 3.72 13.47
N VAL B 101 -18.04 3.83 13.11
CA VAL B 101 -17.61 4.73 12.05
C VAL B 101 -18.35 4.46 10.74
N PHE B 102 -18.48 3.18 10.40
CA PHE B 102 -19.14 2.78 9.17
C PHE B 102 -20.68 2.76 9.26
N GLN B 103 -21.21 2.70 10.48
CA GLN B 103 -22.66 2.72 10.63
C GLN B 103 -23.08 4.15 10.35
N GLN B 104 -22.27 5.09 10.81
CA GLN B 104 -22.52 6.51 10.59
C GLN B 104 -22.52 6.76 9.09
N ILE B 105 -21.50 6.22 8.41
CA ILE B 105 -21.39 6.39 6.97
C ILE B 105 -22.61 5.82 6.28
N ALA B 106 -22.98 4.60 6.62
CA ALA B 106 -24.13 3.93 6.03
C ALA B 106 -25.39 4.78 6.20
N ARG B 107 -25.57 5.35 7.38
CA ARG B 107 -26.74 6.18 7.64
C ARG B 107 -26.78 7.40 6.74
N GLU B 108 -25.64 8.05 6.57
CA GLU B 108 -25.58 9.23 5.71
C GLU B 108 -25.81 8.86 4.25
N VAL B 109 -25.30 7.71 3.83
CA VAL B 109 -25.49 7.25 2.46
C VAL B 109 -26.97 7.04 2.17
N GLY B 110 -27.63 6.27 3.03
CA GLY B 110 -29.06 6.04 2.85
C GLY B 110 -29.38 4.77 2.09
N GLU B 111 -30.57 4.25 2.33
CA GLU B 111 -31.03 3.02 1.70
C GLU B 111 -31.05 3.05 0.17
N VAL B 112 -31.66 4.09 -0.41
CA VAL B 112 -31.77 4.22 -1.86
C VAL B 112 -30.41 4.16 -2.57
N ARG B 113 -29.47 4.99 -2.15
CA ARG B 113 -28.16 5.01 -2.78
C ARG B 113 -27.37 3.72 -2.50
N MET B 114 -27.40 3.28 -1.24
CA MET B 114 -26.72 2.05 -0.85
C MET B 114 -27.19 0.90 -1.73
N GLN B 115 -28.51 0.81 -1.91
CA GLN B 115 -29.11 -0.22 -2.75
C GLN B 115 -28.63 -0.07 -4.19
N LYS B 116 -28.50 1.18 -4.63
CA LYS B 116 -28.08 1.44 -6.00
C LYS B 116 -26.66 0.91 -6.25
N TYR B 117 -25.74 1.25 -5.38
CA TYR B 117 -24.35 0.81 -5.53
C TYR B 117 -24.15 -0.69 -5.43
N LEU B 118 -24.84 -1.33 -4.49
CA LEU B 118 -24.70 -2.77 -4.34
C LEU B 118 -25.23 -3.45 -5.60
N LYS B 119 -26.13 -2.76 -6.30
CA LYS B 119 -26.70 -3.28 -7.52
C LYS B 119 -25.63 -3.14 -8.61
N LYS B 120 -25.02 -1.95 -8.66
CA LYS B 120 -23.97 -1.67 -9.63
C LYS B 120 -22.79 -2.62 -9.41
N PHE B 121 -22.47 -2.84 -8.13
CA PHE B 121 -21.37 -3.72 -7.74
C PHE B 121 -21.71 -5.20 -7.85
N SER B 122 -23.00 -5.51 -8.01
CA SER B 122 -23.44 -6.90 -8.09
C SER B 122 -22.93 -7.61 -6.82
N TYR B 123 -23.11 -6.94 -5.69
CA TYR B 123 -22.65 -7.44 -4.40
C TYR B 123 -23.59 -8.43 -3.73
N GLY B 124 -23.24 -9.71 -3.77
CA GLY B 124 -24.05 -10.73 -3.14
C GLY B 124 -25.52 -10.69 -3.53
N ASN B 125 -26.39 -10.93 -2.55
CA ASN B 125 -27.83 -10.93 -2.81
C ASN B 125 -28.41 -9.53 -2.94
N GLN B 126 -27.61 -8.51 -2.65
CA GLN B 126 -28.03 -7.12 -2.76
C GLN B 126 -29.18 -6.75 -1.81
N ASN B 127 -29.40 -7.57 -0.80
CA ASN B 127 -30.46 -7.32 0.17
C ASN B 127 -29.92 -6.53 1.37
N ILE B 128 -30.38 -5.29 1.54
CA ILE B 128 -29.92 -4.46 2.65
C ILE B 128 -30.98 -4.20 3.71
N SER B 129 -32.01 -5.03 3.74
CA SER B 129 -33.07 -4.87 4.72
C SER B 129 -32.57 -5.29 6.10
N GLY B 130 -33.16 -4.73 7.15
CA GLY B 130 -32.75 -5.07 8.49
C GLY B 130 -32.05 -3.93 9.21
N GLY B 131 -32.24 -2.72 8.72
CA GLY B 131 -31.60 -1.58 9.33
C GLY B 131 -30.41 -1.12 8.50
N ILE B 132 -30.53 0.05 7.91
CA ILE B 132 -29.48 0.62 7.08
C ILE B 132 -28.11 0.62 7.78
N ASP B 133 -28.10 0.54 9.10
CA ASP B 133 -26.84 0.57 9.82
C ASP B 133 -26.43 -0.77 10.45
N LYS B 134 -26.99 -1.86 9.93
CA LYS B 134 -26.65 -3.18 10.47
C LYS B 134 -27.05 -4.35 9.57
N PHE B 135 -27.44 -4.06 8.35
CA PHE B 135 -27.86 -5.11 7.42
C PHE B 135 -26.72 -6.09 7.07
N TRP B 136 -25.49 -5.63 7.18
CA TRP B 136 -24.32 -6.47 6.86
C TRP B 136 -23.77 -7.16 8.11
N LEU B 137 -24.23 -6.70 9.27
CA LEU B 137 -23.80 -7.25 10.55
C LEU B 137 -24.79 -8.29 11.07
N GLU B 138 -26.09 -8.00 10.94
CA GLU B 138 -27.10 -8.93 11.40
C GLU B 138 -28.32 -8.93 10.48
N GLY B 139 -28.22 -8.20 9.37
CA GLY B 139 -29.31 -8.13 8.43
C GLY B 139 -29.49 -9.34 7.53
N GLN B 140 -30.00 -9.11 6.33
CA GLN B 140 -30.24 -10.16 5.35
C GLN B 140 -29.22 -10.21 4.21
N LEU B 141 -28.26 -9.29 4.22
CA LEU B 141 -27.25 -9.26 3.15
C LEU B 141 -26.38 -10.51 3.20
N ARG B 142 -26.20 -11.15 2.04
CA ARG B 142 -25.41 -12.38 1.93
C ARG B 142 -24.52 -12.35 0.69
N ILE B 143 -23.34 -12.95 0.77
CA ILE B 143 -22.43 -12.99 -0.36
C ILE B 143 -21.52 -14.22 -0.28
N SER B 144 -21.18 -14.80 -1.42
CA SER B 144 -20.33 -16.00 -1.43
C SER B 144 -18.84 -15.66 -1.58
N ALA B 145 -18.00 -16.68 -1.43
CA ALA B 145 -16.57 -16.52 -1.55
C ALA B 145 -16.22 -16.19 -3.01
N VAL B 146 -16.93 -16.84 -3.93
CA VAL B 146 -16.72 -16.60 -5.35
C VAL B 146 -17.09 -15.16 -5.73
N ASN B 147 -18.24 -14.71 -5.23
CA ASN B 147 -18.71 -13.36 -5.51
C ASN B 147 -17.69 -12.35 -4.96
N GLN B 148 -17.11 -12.65 -3.81
CA GLN B 148 -16.12 -11.77 -3.20
C GLN B 148 -14.90 -11.57 -4.11
N VAL B 149 -14.37 -12.66 -4.67
CA VAL B 149 -13.19 -12.53 -5.53
C VAL B 149 -13.53 -11.80 -6.84
N GLU B 150 -14.77 -11.94 -7.30
CA GLU B 150 -15.17 -11.25 -8.53
C GLU B 150 -15.21 -9.77 -8.23
N PHE B 151 -15.75 -9.44 -7.06
CA PHE B 151 -15.86 -8.07 -6.61
C PHE B 151 -14.48 -7.44 -6.44
N LEU B 152 -13.59 -8.18 -5.78
CA LEU B 152 -12.24 -7.69 -5.53
C LEU B 152 -11.44 -7.51 -6.82
N GLU B 153 -11.68 -8.36 -7.81
CA GLU B 153 -10.98 -8.25 -9.09
C GLU B 153 -11.42 -6.97 -9.76
N SER B 154 -12.72 -6.69 -9.70
CA SER B 154 -13.23 -5.47 -10.30
C SER B 154 -12.58 -4.25 -9.63
N LEU B 155 -12.47 -4.31 -8.30
CA LEU B 155 -11.84 -3.22 -7.55
C LEU B 155 -10.39 -3.06 -7.99
N TYR B 156 -9.67 -4.18 -8.07
CA TYR B 156 -8.27 -4.17 -8.49
C TYR B 156 -8.13 -3.51 -9.86
N LEU B 157 -8.98 -3.90 -10.80
CA LEU B 157 -8.94 -3.36 -12.15
C LEU B 157 -9.62 -1.99 -12.29
N ASN B 158 -10.03 -1.40 -11.17
CA ASN B 158 -10.73 -0.11 -11.17
C ASN B 158 -11.97 -0.17 -12.05
N LYS B 159 -12.57 -1.34 -12.16
CA LYS B 159 -13.76 -1.50 -12.99
C LYS B 159 -15.10 -1.36 -12.28
N LEU B 160 -15.10 -1.04 -11.00
CA LEU B 160 -16.34 -0.85 -10.27
C LEU B 160 -16.95 0.50 -10.65
N SER B 161 -18.27 0.61 -10.55
CA SER B 161 -18.96 1.85 -10.89
C SER B 161 -18.65 2.96 -9.89
N ALA B 162 -17.41 3.43 -9.92
CA ALA B 162 -16.94 4.49 -9.04
C ALA B 162 -15.73 5.11 -9.70
N SER B 163 -15.29 6.27 -9.22
CA SER B 163 -14.14 6.92 -9.81
C SER B 163 -12.89 6.10 -9.52
N LYS B 164 -11.91 6.15 -10.42
CA LYS B 164 -10.68 5.41 -10.22
C LYS B 164 -9.99 5.91 -8.95
N GLU B 165 -10.05 7.21 -8.74
CA GLU B 165 -9.44 7.83 -7.58
C GLU B 165 -9.98 7.19 -6.30
N ASN B 166 -11.30 7.08 -6.20
CA ASN B 166 -11.90 6.49 -5.01
C ASN B 166 -11.56 5.02 -4.82
N GLN B 167 -11.47 4.27 -5.93
CA GLN B 167 -11.13 2.86 -5.81
C GLN B 167 -9.67 2.76 -5.37
N LEU B 168 -8.82 3.64 -5.93
CA LEU B 168 -7.41 3.66 -5.55
C LEU B 168 -7.25 3.97 -4.07
N ILE B 169 -8.03 4.94 -3.59
CA ILE B 169 -7.97 5.30 -2.18
C ILE B 169 -8.25 4.08 -1.30
N VAL B 170 -9.35 3.40 -1.59
CA VAL B 170 -9.73 2.22 -0.81
C VAL B 170 -8.73 1.08 -0.97
N LYS B 171 -8.10 0.98 -2.13
CA LYS B 171 -7.14 -0.08 -2.33
C LYS B 171 -5.92 0.07 -1.43
N GLU B 172 -5.39 1.28 -1.27
CA GLU B 172 -4.23 1.43 -0.39
C GLU B 172 -4.63 1.23 1.06
N ALA B 173 -5.87 1.59 1.39
CA ALA B 173 -6.36 1.43 2.75
C ALA B 173 -6.37 -0.05 3.14
N LEU B 174 -6.52 -0.92 2.14
CA LEU B 174 -6.57 -2.36 2.38
C LEU B 174 -5.21 -3.07 2.44
N VAL B 175 -4.12 -2.35 2.17
CA VAL B 175 -2.79 -2.96 2.21
C VAL B 175 -2.54 -3.47 3.63
N THR B 176 -2.20 -4.75 3.77
CA THR B 176 -1.95 -5.33 5.10
C THR B 176 -0.55 -5.92 5.25
N GLU B 177 0.11 -6.19 4.12
CA GLU B 177 1.46 -6.72 4.16
C GLU B 177 2.22 -6.27 2.91
N ALA B 178 3.44 -5.78 3.11
CA ALA B 178 4.26 -5.32 1.99
C ALA B 178 5.67 -5.92 2.01
N ALA B 179 6.07 -6.45 0.85
CA ALA B 179 7.39 -7.05 0.68
C ALA B 179 7.90 -6.63 -0.69
N PRO B 180 9.22 -6.64 -0.89
CA PRO B 180 9.75 -6.24 -2.20
C PRO B 180 9.13 -7.04 -3.35
N GLU B 181 8.86 -8.31 -3.10
CA GLU B 181 8.28 -9.20 -4.10
C GLU B 181 6.77 -9.32 -4.14
N TYR B 182 6.08 -8.85 -3.10
CA TYR B 182 4.63 -8.93 -3.11
C TYR B 182 3.95 -7.93 -2.19
N LEU B 183 2.69 -7.63 -2.53
CA LEU B 183 1.89 -6.70 -1.76
C LEU B 183 0.55 -7.36 -1.51
N VAL B 184 0.17 -7.50 -0.24
CA VAL B 184 -1.10 -8.12 0.12
C VAL B 184 -2.16 -7.10 0.53
N HIS B 185 -3.33 -7.22 -0.11
CA HIS B 185 -4.48 -6.37 0.18
C HIS B 185 -5.49 -7.30 0.83
N SER B 186 -6.05 -6.93 1.98
CA SER B 186 -7.00 -7.82 2.62
C SER B 186 -7.89 -7.20 3.69
N LYS B 187 -8.95 -7.91 4.04
CA LYS B 187 -9.88 -7.45 5.05
C LYS B 187 -10.50 -8.67 5.75
N THR B 188 -10.49 -8.64 7.08
CA THR B 188 -11.07 -9.73 7.87
C THR B 188 -12.55 -9.46 8.13
N GLY B 189 -13.26 -10.50 8.54
CA GLY B 189 -14.68 -10.38 8.85
C GLY B 189 -15.10 -11.36 9.93
N PHE B 190 -16.06 -10.95 10.76
CA PHE B 190 -16.55 -11.81 11.85
C PHE B 190 -17.95 -11.39 12.28
N SER B 191 -18.92 -12.28 12.08
CA SER B 191 -20.31 -12.01 12.44
C SER B 191 -20.59 -12.23 13.92
N GLY B 192 -19.98 -13.28 14.48
CA GLY B 192 -20.18 -13.61 15.88
C GLY B 192 -20.00 -15.10 16.11
N VAL B 193 -20.28 -15.56 17.33
CA VAL B 193 -20.15 -16.97 17.67
C VAL B 193 -21.38 -17.77 17.28
N GLY B 194 -22.42 -17.07 16.83
CA GLY B 194 -23.64 -17.74 16.42
C GLY B 194 -24.36 -18.46 17.54
N THR B 195 -25.36 -19.26 17.17
CA THR B 195 -26.15 -20.02 18.14
C THR B 195 -26.00 -21.51 17.92
N GLU B 196 -26.73 -22.31 18.70
CA GLU B 196 -26.69 -23.75 18.58
C GLU B 196 -27.11 -24.14 17.16
N SER B 197 -26.30 -24.99 16.53
CA SER B 197 -26.58 -25.44 15.17
C SER B 197 -26.60 -24.26 14.19
N ASN B 198 -26.15 -23.10 14.67
CA ASN B 198 -26.10 -21.91 13.84
C ASN B 198 -24.85 -21.10 14.19
N PRO B 199 -23.67 -21.63 13.87
CA PRO B 199 -22.41 -20.95 14.17
C PRO B 199 -22.26 -19.66 13.37
N GLY B 200 -21.39 -18.78 13.83
CA GLY B 200 -21.16 -17.54 13.13
C GLY B 200 -20.24 -17.79 11.95
N VAL B 201 -19.84 -16.73 11.25
CA VAL B 201 -18.95 -16.86 10.11
C VAL B 201 -17.76 -15.93 10.27
N ALA B 202 -16.59 -16.40 9.84
CA ALA B 202 -15.38 -15.61 9.90
C ALA B 202 -14.83 -15.53 8.48
N TRP B 203 -14.36 -14.34 8.09
CA TRP B 203 -13.85 -14.11 6.74
C TRP B 203 -12.43 -13.56 6.68
N TRP B 204 -11.81 -13.73 5.52
CA TRP B 204 -10.51 -13.16 5.20
C TRP B 204 -10.48 -13.16 3.69
N VAL B 205 -10.63 -11.98 3.12
CA VAL B 205 -10.65 -11.82 1.67
C VAL B 205 -9.63 -10.76 1.25
N GLY B 206 -9.17 -10.86 0.02
CA GLY B 206 -8.21 -9.88 -0.48
C GLY B 206 -7.52 -10.38 -1.72
N TRP B 207 -6.35 -9.83 -2.02
CA TRP B 207 -5.59 -10.27 -3.17
C TRP B 207 -4.10 -10.00 -2.97
N VAL B 208 -3.29 -10.75 -3.68
CA VAL B 208 -1.83 -10.64 -3.58
C VAL B 208 -1.24 -10.29 -4.94
N GLU B 209 -0.43 -9.23 -4.95
CA GLU B 209 0.24 -8.78 -6.16
C GLU B 209 1.69 -9.24 -6.06
N LYS B 210 1.99 -10.42 -6.62
CA LYS B 210 3.33 -10.99 -6.60
C LYS B 210 3.89 -11.09 -8.01
N GLU B 211 5.12 -10.63 -8.22
CA GLU B 211 5.72 -10.64 -9.54
C GLU B 211 4.69 -9.92 -10.40
N THR B 212 4.48 -10.37 -11.62
CA THR B 212 3.49 -9.73 -12.47
C THR B 212 2.14 -10.45 -12.40
N GLU B 213 2.02 -11.40 -11.48
CA GLU B 213 0.77 -12.13 -11.33
C GLU B 213 -0.02 -11.56 -10.17
N VAL B 214 -1.33 -11.78 -10.19
CA VAL B 214 -2.20 -11.31 -9.14
C VAL B 214 -3.08 -12.48 -8.70
N TYR B 215 -3.19 -12.65 -7.38
CA TYR B 215 -3.98 -13.74 -6.82
C TYR B 215 -5.11 -13.20 -5.94
N PHE B 216 -6.34 -13.45 -6.34
CA PHE B 216 -7.50 -13.00 -5.60
C PHE B 216 -7.93 -14.15 -4.68
N PHE B 217 -8.23 -13.84 -3.44
CA PHE B 217 -8.67 -14.89 -2.53
C PHE B 217 -9.85 -14.52 -1.64
N ALA B 218 -10.57 -15.55 -1.22
CA ALA B 218 -11.73 -15.39 -0.37
C ALA B 218 -11.83 -16.62 0.52
N PHE B 219 -11.88 -16.41 1.82
CA PHE B 219 -11.98 -17.52 2.76
C PHE B 219 -13.02 -17.28 3.84
N ASN B 220 -13.77 -18.31 4.17
CA ASN B 220 -14.74 -18.21 5.24
C ASN B 220 -14.86 -19.56 5.96
N MET B 221 -15.36 -19.53 7.19
CA MET B 221 -15.48 -20.72 7.99
C MET B 221 -16.53 -20.51 9.07
N ASP B 222 -17.13 -21.60 9.54
CA ASP B 222 -18.11 -21.49 10.61
C ASP B 222 -17.29 -21.26 11.86
N ILE B 223 -17.81 -20.45 12.78
CA ILE B 223 -17.10 -20.18 14.01
C ILE B 223 -18.06 -20.10 15.19
N ASP B 224 -17.76 -20.86 16.23
CA ASP B 224 -18.58 -20.89 17.43
C ASP B 224 -17.83 -20.30 18.61
N ASN B 225 -16.52 -20.22 18.49
CA ASN B 225 -15.68 -19.67 19.56
C ASN B 225 -14.67 -18.67 19.00
N GLU B 226 -14.53 -17.54 19.66
CA GLU B 226 -13.60 -16.51 19.22
C GLU B 226 -12.15 -16.98 19.20
N SER B 227 -11.82 -17.99 20.01
CA SER B 227 -10.47 -18.49 20.07
C SER B 227 -9.99 -19.04 18.73
N LYS B 228 -10.93 -19.47 17.90
CA LYS B 228 -10.59 -20.02 16.58
C LYS B 228 -10.43 -18.93 15.53
N LEU B 229 -10.77 -17.70 15.89
CA LEU B 229 -10.70 -16.56 14.98
C LEU B 229 -9.40 -16.48 14.15
N PRO B 230 -8.23 -16.60 14.80
CA PRO B 230 -6.94 -16.54 14.11
C PRO B 230 -6.83 -17.52 12.94
N LEU B 231 -7.72 -18.51 12.92
CA LEU B 231 -7.71 -19.51 11.86
C LEU B 231 -8.11 -18.92 10.52
N ARG B 232 -8.85 -17.82 10.53
CA ARG B 232 -9.29 -17.20 9.27
C ARG B 232 -8.11 -16.72 8.43
N LYS B 233 -6.95 -16.54 9.06
CA LYS B 233 -5.76 -16.11 8.34
C LYS B 233 -4.72 -17.22 8.22
N SER B 234 -4.52 -17.97 9.29
CA SER B 234 -3.53 -19.05 9.29
C SER B 234 -3.79 -20.14 8.26
N ILE B 235 -5.06 -20.53 8.07
CA ILE B 235 -5.38 -21.57 7.11
C ILE B 235 -5.12 -21.11 5.67
N PRO B 236 -5.66 -19.95 5.28
CA PRO B 236 -5.43 -19.46 3.90
C PRO B 236 -3.94 -19.17 3.70
N THR B 237 -3.31 -18.64 4.73
CA THR B 237 -1.89 -18.31 4.65
C THR B 237 -1.06 -19.58 4.42
N LYS B 238 -1.41 -20.64 5.13
CA LYS B 238 -0.72 -21.91 4.98
C LYS B 238 -0.87 -22.43 3.54
N ILE B 239 -2.07 -22.29 2.99
CA ILE B 239 -2.32 -22.75 1.62
C ILE B 239 -1.53 -21.93 0.60
N MET B 240 -1.58 -20.61 0.72
CA MET B 240 -0.86 -19.75 -0.23
C MET B 240 0.65 -19.87 -0.07
N GLU B 241 1.10 -20.37 1.09
CA GLU B 241 2.52 -20.55 1.31
C GLU B 241 2.97 -21.81 0.57
N SER B 242 2.13 -22.84 0.63
CA SER B 242 2.45 -24.11 -0.04
C SER B 242 2.31 -23.94 -1.55
N GLU B 243 1.77 -22.80 -1.95
CA GLU B 243 1.60 -22.49 -3.37
C GLU B 243 2.68 -21.48 -3.76
N GLY B 244 3.56 -21.19 -2.81
CA GLY B 244 4.65 -20.25 -3.05
C GLY B 244 4.17 -18.88 -3.49
N ILE B 245 3.11 -18.39 -2.88
CA ILE B 245 2.55 -17.08 -3.22
C ILE B 245 3.00 -15.99 -2.25
N ILE B 246 2.96 -16.29 -0.95
CA ILE B 246 3.39 -15.32 0.05
C ILE B 246 4.25 -15.97 1.14
CA CA C . -0.53 6.04 2.17
CA CA D . 20.02 0.59 -3.58
S SO4 E . 15.03 -2.18 -21.97
O1 SO4 E . 14.92 -1.50 -23.28
O2 SO4 E . 14.52 -1.29 -20.91
O3 SO4 E . 16.43 -2.52 -21.71
O4 SO4 E . 14.23 -3.42 -21.99
B IAP F . 19.44 2.81 -7.06
O1 IAP F . 20.12 3.95 -6.33
O2 IAP F . 18.79 1.99 -5.98
C1 IAP F . 20.43 1.98 -7.97
C2 IAP F . 21.16 2.60 -9.03
C3 IAP F . 22.03 1.85 -9.85
C4 IAP F . 22.21 0.47 -9.62
C5 IAP F . 21.50 -0.18 -8.56
C6 IAP F . 20.61 0.59 -7.74
N1 IAP F . 21.67 -1.57 -8.41
C7 IAP F . 21.02 -2.47 -7.58
O3 IAP F . 19.97 -2.24 -6.93
CA CA G . -2.17 -2.89 -4.98
B IAP H . -16.01 -7.26 11.63
O1 IAP H . -16.70 -8.46 11.02
O2 IAP H . -14.54 -7.59 11.61
C1 IAP H . -16.51 -6.84 13.08
C2 IAP H . -17.91 -6.59 13.29
C3 IAP H . -18.39 -6.18 14.56
C4 IAP H . -17.50 -6.01 15.64
C5 IAP H . -16.10 -6.24 15.46
C6 IAP H . -15.61 -6.66 14.18
N1 IAP H . -15.23 -6.00 16.56
C7 IAP H . -14.96 -6.86 17.61
O3 IAP H . -15.52 -7.96 17.79
#